data_2VAD
#
_entry.id   2VAD
#
_cell.length_a   38.892
_cell.length_b   62.151
_cell.length_c   81.882
_cell.angle_alpha   90.00
_cell.angle_beta   90.00
_cell.angle_gamma   90.00
#
_symmetry.space_group_name_H-M   'P 21 21 21'
#
loop_
_entity.id
_entity.type
_entity.pdbx_description
1 polymer 'RED FLUORESCENT PROTEIN'
2 non-polymer 'ZINC ION'
3 non-polymer 'CHLORIDE ION'
4 non-polymer 1,2-ETHANEDIOL
5 water water
#
_entity_poly.entity_id   1
_entity_poly.type   'polypeptide(L)'
_entity_poly.pdbx_seq_one_letter_code
;MDNTEDVIKEFMQFKVRMEGSVNGHYFEIEGEGEGKPYEGTQTAKLQVTKGGPLPFAWDILSPQF(CRQ)SKAYVKHPAD
IPDYMKLSFPEGFTWERSMNFEDGGVVEVQQDSSLQDGTFIYKVKFKGVNFPADGPVMQKKTAGWEPSTEKLYPQDGVLK
GEISHALKLKDGGHYTCDFKTVYKAKKPVQLPGNHYVDSKLDITNHNEDYTVVEQYEHAEARHSGSQ
;
_entity_poly.pdbx_strand_id   A
#
loop_
_chem_comp.id
_chem_comp.type
_chem_comp.name
_chem_comp.formula
CL non-polymer 'CHLORIDE ION' 'Cl -1'
EDO non-polymer 1,2-ETHANEDIOL 'C2 H6 O2'
ZN non-polymer 'ZINC ION' 'Zn 2'
#
# COMPACT_ATOMS: atom_id res chain seq x y z
N THR A 4 2.79 21.32 -8.02
CA THR A 4 2.10 20.14 -8.67
C THR A 4 0.57 20.34 -8.76
N GLU A 5 0.13 21.58 -8.50
CA GLU A 5 -1.29 21.91 -8.38
C GLU A 5 -2.03 21.78 -9.70
N ASP A 6 -1.32 21.93 -10.82
CA ASP A 6 -1.92 21.81 -12.15
C ASP A 6 -2.24 20.34 -12.49
N VAL A 7 -1.37 19.43 -12.05
CA VAL A 7 -1.47 18.03 -12.45
C VAL A 7 -2.26 17.23 -11.40
N ILE A 8 -1.89 17.42 -10.14
CA ILE A 8 -2.50 16.71 -9.01
C ILE A 8 -3.41 17.69 -8.31
N LYS A 9 -4.71 17.48 -8.52
CA LYS A 9 -5.73 18.36 -7.97
C LYS A 9 -5.95 18.06 -6.48
N GLU A 10 -6.64 18.96 -5.79
CA GLU A 10 -6.89 18.73 -4.37
C GLU A 10 -7.85 17.54 -4.11
N PHE A 11 -8.66 17.17 -5.11
CA PHE A 11 -9.43 15.92 -5.04
C PHE A 11 -8.99 15.10 -6.24
N MET A 12 -8.65 13.83 -6.01
CA MET A 12 -8.29 12.92 -7.12
C MET A 12 -8.86 11.54 -6.90
N GLN A 13 -9.31 10.92 -7.99
CA GLN A 13 -9.76 9.53 -7.99
C GLN A 13 -8.72 8.63 -8.58
N PHE A 14 -8.84 7.35 -8.23
CA PHE A 14 -8.01 6.29 -8.77
C PHE A 14 -8.76 5.02 -9.09
N LYS A 15 -8.19 4.27 -10.02
CA LYS A 15 -8.65 2.91 -10.32
C LYS A 15 -7.48 1.96 -10.11
N VAL A 16 -7.75 0.78 -9.59
CA VAL A 16 -6.70 -0.24 -9.31
C VAL A 16 -7.14 -1.64 -9.73
N ARG A 17 -6.18 -2.39 -10.25
CA ARG A 17 -6.35 -3.80 -10.54
C ARG A 17 -5.13 -4.53 -10.00
N MET A 18 -5.38 -5.64 -9.33
CA MET A 18 -4.37 -6.54 -8.83
C MET A 18 -4.57 -7.95 -9.34
N GLU A 19 -3.46 -8.57 -9.73
CA GLU A 19 -3.42 -9.99 -10.06
C GLU A 19 -2.43 -10.57 -9.08
N GLY A 20 -2.76 -11.70 -8.48
CA GLY A 20 -1.89 -12.19 -7.42
C GLY A 20 -2.04 -13.67 -7.13
N SER A 21 -1.13 -14.18 -6.32
CA SER A 21 -1.33 -15.48 -5.72
C SER A 21 -0.76 -15.51 -4.32
N VAL A 22 -1.36 -16.34 -3.48
CA VAL A 22 -0.86 -16.62 -2.14
C VAL A 22 -0.81 -18.14 -1.97
N ASN A 23 0.40 -18.68 -1.72
CA ASN A 23 0.61 -20.14 -1.60
C ASN A 23 -0.05 -20.86 -2.79
N GLY A 24 0.07 -20.27 -3.96
CA GLY A 24 -0.41 -20.90 -5.18
C GLY A 24 -1.82 -20.54 -5.56
N HIS A 25 -2.57 -19.92 -4.65
CA HIS A 25 -3.96 -19.61 -4.91
C HIS A 25 -4.09 -18.30 -5.71
N TYR A 26 -4.53 -18.38 -6.96
CA TYR A 26 -4.65 -17.19 -7.82
C TYR A 26 -5.90 -16.39 -7.53
N PHE A 27 -5.80 -15.07 -7.64
CA PHE A 27 -6.97 -14.21 -7.51
C PHE A 27 -6.75 -12.92 -8.26
N GLU A 28 -7.84 -12.20 -8.48
CA GLU A 28 -7.81 -10.88 -9.08
C GLU A 28 -8.76 -10.01 -8.30
N ILE A 29 -8.38 -8.74 -8.17
CA ILE A 29 -9.14 -7.73 -7.45
C ILE A 29 -9.15 -6.47 -8.29
N GLU A 30 -10.31 -5.83 -8.36
CA GLU A 30 -10.48 -4.53 -8.98
C GLU A 30 -11.10 -3.59 -8.01
N GLY A 31 -10.70 -2.34 -8.07
CA GLY A 31 -11.26 -1.34 -7.16
C GLY A 31 -11.12 0.09 -7.65
N GLU A 32 -11.70 0.98 -6.85
CA GLU A 32 -11.68 2.38 -7.13
C GLU A 32 -11.51 3.08 -5.82
N GLY A 33 -10.89 4.24 -5.87
CA GLY A 33 -10.64 5.04 -4.68
C GLY A 33 -10.65 6.53 -4.96
N GLU A 34 -10.57 7.31 -3.91
CA GLU A 34 -10.52 8.74 -4.05
C GLU A 34 -9.99 9.33 -2.76
N GLY A 35 -9.58 10.58 -2.85
CA GLY A 35 -9.03 11.23 -1.70
C GLY A 35 -8.51 12.62 -1.98
N LYS A 36 -7.85 13.15 -0.95
CA LYS A 36 -7.33 14.52 -0.96
C LYS A 36 -5.81 14.41 -0.87
N PRO A 37 -5.12 14.49 -2.01
CA PRO A 37 -3.66 14.20 -1.97
C PRO A 37 -2.85 15.08 -1.04
N TYR A 38 -3.27 16.34 -0.89
CA TYR A 38 -2.50 17.31 -0.08
C TYR A 38 -2.84 17.23 1.40
N GLU A 39 -3.91 16.54 1.74
CA GLU A 39 -4.29 16.33 3.13
C GLU A 39 -3.91 14.94 3.64
N GLY A 40 -3.51 14.07 2.73
CA GLY A 40 -3.02 12.74 3.07
C GLY A 40 -4.12 11.75 3.37
N THR A 41 -5.34 11.97 2.88
CA THR A 41 -6.44 11.07 3.21
C THR A 41 -7.02 10.45 1.94
N GLN A 42 -7.45 9.18 2.05
CA GLN A 42 -8.06 8.50 0.92
C GLN A 42 -8.88 7.31 1.35
N THR A 43 -9.82 6.92 0.49
CA THR A 43 -10.65 5.73 0.67
CA THR A 43 -10.58 5.71 0.72
C THR A 43 -10.54 4.86 -0.56
N ALA A 44 -10.72 3.55 -0.39
CA ALA A 44 -10.76 2.63 -1.53
C ALA A 44 -11.89 1.65 -1.28
N LYS A 45 -12.50 1.18 -2.37
CA LYS A 45 -13.41 0.05 -2.33
C LYS A 45 -12.90 -0.99 -3.32
N LEU A 46 -12.69 -2.20 -2.84
CA LEU A 46 -12.13 -3.31 -3.61
C LEU A 46 -13.15 -4.43 -3.75
N GLN A 47 -13.12 -5.08 -4.90
CA GLN A 47 -13.93 -6.28 -5.10
C GLN A 47 -13.08 -7.41 -5.62
N VAL A 48 -13.22 -8.59 -5.05
CA VAL A 48 -12.57 -9.79 -5.57
C VAL A 48 -13.32 -10.27 -6.78
N THR A 49 -12.65 -10.27 -7.93
CA THR A 49 -13.30 -10.62 -9.21
C THR A 49 -12.94 -12.02 -9.70
N LYS A 50 -11.87 -12.60 -9.18
CA LYS A 50 -11.50 -14.00 -9.49
C LYS A 50 -10.83 -14.60 -8.25
N GLY A 51 -11.05 -15.89 -8.03
CA GLY A 51 -10.33 -16.60 -6.96
C GLY A 51 -10.99 -16.46 -5.60
N GLY A 52 -12.15 -15.85 -5.56
CA GLY A 52 -12.88 -15.64 -4.30
C GLY A 52 -13.85 -16.77 -3.97
N PRO A 53 -14.23 -16.87 -2.69
CA PRO A 53 -13.68 -16.11 -1.57
C PRO A 53 -12.26 -16.51 -1.26
N LEU A 54 -11.45 -15.55 -0.79
CA LEU A 54 -10.02 -15.80 -0.62
C LEU A 54 -9.81 -16.64 0.62
N PRO A 55 -8.96 -17.66 0.53
CA PRO A 55 -8.70 -18.51 1.69
C PRO A 55 -7.54 -18.07 2.57
N PHE A 56 -7.32 -16.75 2.66
CA PHE A 56 -6.24 -16.18 3.45
C PHE A 56 -6.67 -14.79 3.90
N ALA A 57 -5.92 -14.25 4.86
CA ALA A 57 -6.27 -12.95 5.43
C ALA A 57 -6.21 -11.79 4.43
N TRP A 58 -7.30 -11.00 4.35
CA TRP A 58 -7.31 -9.77 3.56
C TRP A 58 -6.15 -8.85 3.89
N ASP A 59 -5.78 -8.78 5.15
CA ASP A 59 -4.82 -7.79 5.62
C ASP A 59 -3.51 -7.82 4.83
N ILE A 60 -3.09 -8.98 4.30
CA ILE A 60 -1.78 -8.92 3.60
C ILE A 60 -1.86 -8.16 2.27
N LEU A 61 -3.08 -8.01 1.74
CA LEU A 61 -3.34 -7.26 0.51
C LEU A 61 -3.50 -5.76 0.73
N SER A 62 -3.98 -5.33 1.90
CA SER A 62 -4.51 -3.98 2.04
C SER A 62 -3.51 -2.84 1.75
N PRO A 63 -2.23 -2.97 2.19
CA PRO A 63 -1.24 -1.93 1.91
C PRO A 63 -0.79 -1.88 0.46
N GLN A 64 -1.33 -2.75 -0.40
CA GLN A 64 -0.94 -2.75 -1.81
C GLN A 64 -1.94 -1.97 -2.66
N PHE A 65 -3.11 -1.65 -2.10
N PHE A 65 -3.10 -1.63 -2.08
CA PHE A 65 -4.05 -0.81 -2.89
CA PHE A 65 -4.05 -0.76 -2.81
C PHE A 65 -3.76 0.60 -2.58
C PHE A 65 -3.68 0.68 -2.50
N1 CRQ A 66 -3.18 0.64 -1.37
N1 CRQ A 66 -3.13 1.58 -1.72
CA1 CRQ A 66 -2.81 1.76 -0.60
CA1 CRQ A 66 -2.74 1.57 -0.46
CB1 CRQ A 66 -3.87 1.87 0.47
CB1 CRQ A 66 -3.91 1.69 0.49
CG1 CRQ A 66 -4.90 2.79 -0.16
CG1 CRQ A 66 -4.85 2.77 -0.09
C1 CRQ A 66 -1.41 1.67 0.00
C1 CRQ A 66 -1.42 1.60 -0.01
N2 CRQ A 66 -1.10 1.71 1.31
N2 CRQ A 66 -1.09 1.66 1.30
N3 CRQ A 66 -0.28 1.67 -0.77
N3 CRQ A 66 -0.29 1.64 -0.77
C2 CRQ A 66 0.75 1.66 0.08
C2 CRQ A 66 0.74 1.66 0.07
O2 CRQ A 66 1.94 1.62 -0.35
O2 CRQ A 66 1.95 1.66 -0.35
CA2 CRQ A 66 0.24 1.69 1.40
CA2 CRQ A 66 0.25 1.69 1.39
CA3 CRQ A 66 -0.07 1.54 -2.23
CA3 CRQ A 66 -0.08 1.50 -2.23
CB2 CRQ A 66 1.15 1.69 2.46
CB2 CRQ A 66 1.16 1.73 2.46
CG2 CRQ A 66 0.97 1.52 3.84
CG2 CRQ A 66 0.97 1.54 3.83
CD1 CRQ A 66 2.11 1.39 4.63
CD1 CRQ A 66 2.12 1.41 4.63
CD2 CRQ A 66 -0.29 1.51 4.44
CD2 CRQ A 66 -0.29 1.51 4.42
CE1 CRQ A 66 2.01 1.23 6.01
CE1 CRQ A 66 2.00 1.24 6.01
CE2 CRQ A 66 -0.38 1.35 5.81
CE2 CRQ A 66 -0.39 1.34 5.80
CZ CRQ A 66 0.73 1.20 6.61
CZ CRQ A 66 0.73 1.20 6.59
OH CRQ A 66 0.59 1.06 7.97
OH CRQ A 66 0.59 1.04 7.95
OE1 CRQ A 66 -6.52 1.93 1.35
OE1 CRQ A 66 -6.53 1.94 1.36
C3 CRQ A 66 -0.53 2.77 -3.01
C3 CRQ A 66 -0.50 2.75 -3.00
O3 CRQ A 66 -0.47 2.48 -4.39
O3 CRQ A 66 -0.48 2.48 -4.37
CD3 CRQ A 66 -6.23 2.80 0.56
CD3 CRQ A 66 -6.21 2.80 0.57
NE1 CRQ A 66 -6.97 3.83 0.28
NE1 CRQ A 66 -6.95 3.82 0.24
N SER A 67 -0.73 3.87 -2.43
CA SER A 67 -1.37 4.95 -3.18
C SER A 67 -0.64 6.18 -2.65
N LYS A 68 0.65 6.25 -2.99
CA LYS A 68 1.58 7.15 -2.32
C LYS A 68 1.51 8.60 -2.80
N ALA A 69 0.66 8.86 -3.79
CA ALA A 69 0.37 10.23 -4.20
C ALA A 69 -0.42 10.98 -3.12
N TYR A 70 -1.01 10.22 -2.19
CA TYR A 70 -1.85 10.83 -1.16
C TYR A 70 -1.18 10.88 0.22
N VAL A 71 0.07 11.30 0.26
CA VAL A 71 0.75 11.50 1.55
C VAL A 71 0.93 13.01 1.76
N LYS A 72 0.43 13.55 2.88
CA LYS A 72 0.63 14.99 3.15
C LYS A 72 2.09 15.26 3.40
N HIS A 73 2.68 16.17 2.61
CA HIS A 73 4.10 16.58 2.80
C HIS A 73 4.21 18.04 3.24
N PRO A 74 5.06 18.31 4.23
CA PRO A 74 5.41 19.69 4.51
C PRO A 74 6.09 20.27 3.28
N ALA A 75 6.01 21.60 3.13
CA ALA A 75 6.65 22.24 1.97
C ALA A 75 8.13 21.92 1.84
N ASP A 76 8.83 21.71 2.95
CA ASP A 76 10.26 21.48 2.92
C ASP A 76 10.72 20.05 2.75
N ILE A 77 9.78 19.13 2.47
CA ILE A 77 10.17 17.78 2.07
C ILE A 77 9.63 17.54 0.69
N PRO A 78 10.53 17.48 -0.32
CA PRO A 78 10.10 17.23 -1.68
C PRO A 78 9.20 16.00 -1.74
N ASP A 79 8.05 16.16 -2.37
CA ASP A 79 7.05 15.10 -2.46
C ASP A 79 7.33 14.35 -3.75
N TYR A 80 8.30 13.45 -3.70
CA TYR A 80 8.80 12.67 -4.85
C TYR A 80 7.67 12.00 -5.61
N MET A 81 6.73 11.37 -4.90
CA MET A 81 5.66 10.64 -5.60
C MET A 81 4.74 11.58 -6.36
N LYS A 82 4.39 12.73 -5.77
CA LYS A 82 3.55 13.71 -6.50
C LYS A 82 4.33 14.31 -7.68
N LEU A 83 5.60 14.60 -7.47
CA LEU A 83 6.45 15.20 -8.53
C LEU A 83 6.66 14.29 -9.74
N SER A 84 6.48 12.99 -9.56
CA SER A 84 6.65 12.03 -10.62
C SER A 84 5.55 12.09 -11.66
N PHE A 85 4.41 12.67 -11.33
CA PHE A 85 3.27 12.73 -12.27
C PHE A 85 3.44 13.84 -13.29
N PRO A 86 2.80 13.69 -14.48
CA PRO A 86 1.86 12.68 -14.87
C PRO A 86 2.37 11.31 -15.25
N GLU A 87 3.64 11.16 -15.60
CA GLU A 87 4.19 9.88 -16.04
C GLU A 87 3.99 8.87 -14.92
N GLY A 88 4.33 9.28 -13.71
CA GLY A 88 4.17 8.44 -12.54
C GLY A 88 5.41 7.75 -12.06
N PHE A 89 5.19 6.68 -11.31
CA PHE A 89 6.26 5.98 -10.64
C PHE A 89 5.92 4.51 -10.50
N THR A 90 6.94 3.73 -10.16
CA THR A 90 6.72 2.33 -9.82
C THR A 90 7.21 2.07 -8.40
N TRP A 91 6.68 1.01 -7.81
CA TRP A 91 7.22 0.58 -6.51
C TRP A 91 7.33 -0.94 -6.46
N GLU A 92 8.30 -1.42 -5.70
CA GLU A 92 8.51 -2.82 -5.53
C GLU A 92 8.77 -3.03 -4.07
N ARG A 93 8.11 -4.03 -3.52
CA ARG A 93 8.08 -4.21 -2.07
C ARG A 93 8.30 -5.66 -1.72
N SER A 94 9.06 -5.90 -0.65
CA SER A 94 9.05 -7.18 0.01
C SER A 94 8.43 -7.07 1.40
N MET A 95 7.69 -8.10 1.80
CA MET A 95 7.15 -8.19 3.16
C MET A 95 7.59 -9.53 3.71
N ASN A 96 8.43 -9.50 4.75
CA ASN A 96 8.94 -10.70 5.34
C ASN A 96 8.34 -10.88 6.74
N PHE A 97 7.48 -11.88 6.88
CA PHE A 97 6.74 -12.13 8.09
C PHE A 97 7.53 -13.04 9.05
N GLU A 98 7.20 -12.94 10.32
CA GLU A 98 7.95 -13.60 11.37
C GLU A 98 7.98 -15.11 11.26
N ASP A 99 6.92 -15.66 10.68
CA ASP A 99 6.77 -17.11 10.51
C ASP A 99 7.24 -17.65 9.17
N GLY A 100 7.90 -16.80 8.39
CA GLY A 100 8.56 -17.24 7.15
C GLY A 100 7.74 -16.97 5.90
N GLY A 101 6.50 -16.55 6.07
CA GLY A 101 5.73 -16.10 4.92
C GLY A 101 6.40 -14.91 4.30
N VAL A 102 6.40 -14.86 2.96
CA VAL A 102 7.04 -13.76 2.25
C VAL A 102 6.10 -13.35 1.12
N VAL A 103 5.99 -12.05 0.94
CA VAL A 103 5.30 -11.42 -0.18
C VAL A 103 6.24 -10.54 -0.96
N GLU A 104 6.11 -10.62 -2.28
CA GLU A 104 6.71 -9.66 -3.18
C GLU A 104 5.62 -8.99 -4.00
N VAL A 105 5.74 -7.67 -4.14
CA VAL A 105 4.75 -6.87 -4.86
C VAL A 105 5.45 -5.92 -5.82
N GLN A 106 4.86 -5.75 -7.00
CA GLN A 106 5.33 -4.80 -8.02
C GLN A 106 4.13 -3.98 -8.41
N GLN A 107 4.31 -2.68 -8.50
CA GLN A 107 3.22 -1.76 -8.81
C GLN A 107 3.63 -0.69 -9.78
N ASP A 108 2.72 -0.38 -10.69
CA ASP A 108 2.88 0.76 -11.57
C ASP A 108 1.75 1.78 -11.33
N SER A 109 2.15 3.04 -11.20
CA SER A 109 1.25 4.17 -11.03
C SER A 109 1.43 5.17 -12.16
N SER A 110 0.32 5.58 -12.77
CA SER A 110 0.32 6.63 -13.81
C SER A 110 -0.88 7.51 -13.62
N LEU A 111 -0.84 8.67 -14.28
CA LEU A 111 -1.99 9.56 -14.29
C LEU A 111 -2.48 9.61 -15.73
N GLN A 112 -3.72 9.24 -15.92
CA GLN A 112 -4.26 9.16 -17.28
C GLN A 112 -5.53 9.97 -17.31
N ASP A 113 -5.47 11.09 -18.02
CA ASP A 113 -6.64 11.92 -18.21
C ASP A 113 -7.33 12.25 -16.86
N GLY A 114 -6.52 12.61 -15.90
CA GLY A 114 -7.03 13.12 -14.63
C GLY A 114 -7.30 12.11 -13.53
N THR A 115 -7.09 10.83 -13.82
CA THR A 115 -7.39 9.75 -12.88
C THR A 115 -6.13 8.91 -12.71
N PHE A 116 -5.80 8.62 -11.46
CA PHE A 116 -4.68 7.73 -11.21
C PHE A 116 -5.04 6.31 -11.59
N ILE A 117 -4.11 5.65 -12.27
CA ILE A 117 -4.27 4.26 -12.66
C ILE A 117 -3.16 3.42 -12.00
N TYR A 118 -3.58 2.43 -11.20
CA TYR A 118 -2.70 1.56 -10.47
C TYR A 118 -2.80 0.13 -10.97
N LYS A 119 -1.66 -0.50 -11.23
CA LYS A 119 -1.57 -1.90 -11.65
C LYS A 119 -0.65 -2.58 -10.69
N VAL A 120 -1.13 -3.67 -10.08
CA VAL A 120 -0.39 -4.36 -9.01
C VAL A 120 -0.26 -5.83 -9.35
N LYS A 121 0.93 -6.37 -9.15
CA LYS A 121 1.18 -7.81 -9.18
C LYS A 121 1.68 -8.25 -7.80
N PHE A 122 1.06 -9.31 -7.26
CA PHE A 122 1.29 -9.75 -5.86
C PHE A 122 1.60 -11.24 -5.80
N LYS A 123 2.67 -11.61 -5.10
CA LYS A 123 2.92 -13.04 -4.89
C LYS A 123 3.39 -13.32 -3.48
N GLY A 124 2.63 -14.14 -2.77
CA GLY A 124 2.97 -14.53 -1.42
C GLY A 124 3.23 -16.03 -1.42
N VAL A 125 4.28 -16.46 -0.72
CA VAL A 125 4.67 -17.87 -0.62
C VAL A 125 5.10 -18.24 0.80
N ASN A 126 5.08 -19.54 1.06
CA ASN A 126 5.68 -20.12 2.28
C ASN A 126 4.92 -19.71 3.55
N PHE A 127 3.66 -19.30 3.42
CA PHE A 127 2.86 -19.04 4.63
C PHE A 127 2.50 -20.40 5.26
N PRO A 128 2.83 -20.60 6.54
CA PRO A 128 2.42 -21.86 7.15
C PRO A 128 0.93 -22.12 7.10
N ALA A 129 0.56 -23.37 6.81
CA ALA A 129 -0.85 -23.68 6.69
C ALA A 129 -1.65 -23.35 7.94
N ASP A 130 -1.01 -23.49 9.10
CA ASP A 130 -1.68 -23.23 10.37
C ASP A 130 -1.35 -21.87 10.96
N GLY A 131 -0.70 -21.02 10.16
CA GLY A 131 -0.35 -19.68 10.55
C GLY A 131 -1.52 -18.71 10.44
N PRO A 132 -1.34 -17.49 11.00
CA PRO A 132 -2.43 -16.55 11.05
C PRO A 132 -2.93 -16.02 9.70
N VAL A 133 -2.08 -16.03 8.68
CA VAL A 133 -2.56 -15.59 7.36
C VAL A 133 -3.49 -16.62 6.74
N MET A 134 -3.05 -17.87 6.64
CA MET A 134 -3.90 -18.89 6.04
C MET A 134 -5.11 -19.24 6.90
N GLN A 135 -5.00 -19.04 8.21
CA GLN A 135 -6.15 -19.27 9.11
C GLN A 135 -7.01 -18.03 9.39
N LYS A 136 -6.73 -16.93 8.72
CA LYS A 136 -7.53 -15.73 8.86
C LYS A 136 -7.66 -15.31 10.33
N LYS A 137 -6.54 -15.23 11.02
CA LYS A 137 -6.53 -14.82 12.46
C LYS A 137 -6.02 -13.39 12.68
N THR A 138 -5.88 -12.61 11.63
CA THR A 138 -5.37 -11.25 11.79
C THR A 138 -6.54 -10.30 11.98
N ALA A 139 -6.22 -9.10 12.47
CA ALA A 139 -7.24 -8.12 12.80
C ALA A 139 -6.80 -6.69 12.51
N GLY A 140 -6.03 -6.50 11.46
CA GLY A 140 -5.68 -5.19 11.00
C GLY A 140 -4.26 -4.78 11.31
N TRP A 141 -3.76 -3.81 10.56
CA TRP A 141 -2.39 -3.31 10.76
C TRP A 141 -2.34 -2.30 11.87
N GLU A 142 -1.24 -2.33 12.63
CA GLU A 142 -1.01 -1.26 13.57
C GLU A 142 -0.73 0.01 12.80
N PRO A 143 -0.89 1.14 13.45
CA PRO A 143 -0.34 2.38 12.90
C PRO A 143 1.17 2.18 12.67
N SER A 144 1.68 2.78 11.61
CA SER A 144 3.08 2.55 11.25
C SER A 144 3.81 3.83 10.96
N THR A 145 5.11 3.72 10.99
CA THR A 145 5.98 4.78 10.57
C THR A 145 7.02 4.17 9.62
N GLU A 146 7.11 4.73 8.42
CA GLU A 146 8.04 4.25 7.40
C GLU A 146 9.23 5.21 7.43
N LYS A 147 10.43 4.66 7.50
CA LYS A 147 11.65 5.43 7.36
C LYS A 147 12.00 5.46 5.88
N LEU A 148 12.03 6.66 5.31
CA LEU A 148 12.36 6.88 3.89
C LEU A 148 13.70 7.58 3.72
N TYR A 149 14.46 7.13 2.74
CA TYR A 149 15.77 7.66 2.47
C TYR A 149 16.14 7.48 1.02
N PRO A 150 16.88 8.44 0.46
CA PRO A 150 17.37 8.28 -0.88
C PRO A 150 18.59 7.36 -0.90
N GLN A 151 18.68 6.52 -1.90
CA GLN A 151 19.86 5.67 -2.07
C GLN A 151 19.88 5.16 -3.51
N ASP A 152 21.05 5.13 -4.14
CA ASP A 152 21.14 4.59 -5.50
C ASP A 152 20.15 5.22 -6.50
N GLY A 153 19.88 6.50 -6.34
CA GLY A 153 19.05 7.21 -7.30
C GLY A 153 17.56 6.99 -7.18
N VAL A 154 17.14 6.26 -6.14
CA VAL A 154 15.72 5.95 -5.91
C VAL A 154 15.42 6.28 -4.44
N LEU A 155 14.14 6.19 -4.08
CA LEU A 155 13.69 6.41 -2.72
C LEU A 155 13.40 5.06 -2.13
N LYS A 156 13.94 4.78 -0.96
CA LYS A 156 13.71 3.53 -0.27
C LYS A 156 13.00 3.73 1.06
N GLY A 157 12.14 2.77 1.44
CA GLY A 157 11.43 2.84 2.72
C GLY A 157 11.45 1.53 3.44
N GLU A 158 11.57 1.62 4.77
CA GLU A 158 11.57 0.48 5.66
C GLU A 158 10.53 0.68 6.75
N ILE A 159 9.80 -0.39 7.04
CA ILE A 159 8.84 -0.42 8.16
C ILE A 159 9.06 -1.68 8.96
N SER A 160 9.21 -1.53 10.28
CA SER A 160 9.13 -2.66 11.20
C SER A 160 7.68 -2.73 11.61
N HIS A 161 6.90 -3.48 10.85
CA HIS A 161 5.48 -3.41 10.94
C HIS A 161 4.91 -4.59 11.73
N ALA A 162 3.62 -4.56 12.00
CA ALA A 162 2.95 -5.64 12.69
C ALA A 162 1.45 -5.63 12.44
N LEU A 163 0.92 -6.84 12.30
CA LEU A 163 -0.49 -7.07 12.27
C LEU A 163 -1.00 -7.45 13.66
N LYS A 164 -2.15 -6.95 14.01
CA LYS A 164 -2.80 -7.42 15.21
C LYS A 164 -3.34 -8.83 14.95
N LEU A 165 -3.34 -9.65 16.01
CA LEU A 165 -3.99 -10.95 15.95
C LEU A 165 -5.32 -10.90 16.72
N LYS A 166 -6.29 -11.66 16.24
CA LYS A 166 -7.61 -11.72 16.88
C LYS A 166 -7.49 -12.10 18.36
N ASP A 167 -6.49 -12.86 18.76
CA ASP A 167 -6.24 -13.15 20.19
C ASP A 167 -5.63 -12.00 21.00
N GLY A 168 -5.23 -10.91 20.34
CA GLY A 168 -4.64 -9.75 21.02
C GLY A 168 -3.12 -9.57 20.97
N GLY A 169 -2.39 -10.58 20.50
CA GLY A 169 -0.96 -10.42 20.25
C GLY A 169 -0.68 -9.77 18.90
N HIS A 170 0.52 -9.99 18.41
CA HIS A 170 0.99 -9.36 17.17
C HIS A 170 1.66 -10.37 16.28
N TYR A 171 1.74 -10.02 15.01
CA TYR A 171 2.36 -10.85 14.00
C TYR A 171 3.19 -9.90 13.17
N THR A 172 4.49 -10.01 13.30
CA THR A 172 5.38 -8.94 12.82
C THR A 172 5.79 -9.15 11.38
N CYS A 173 6.11 -8.06 10.71
CA CYS A 173 6.40 -8.06 9.30
C CYS A 173 7.30 -6.91 8.95
N ASP A 174 8.46 -7.21 8.37
CA ASP A 174 9.36 -6.19 7.88
C ASP A 174 9.05 -5.85 6.42
N PHE A 175 8.79 -4.58 6.17
CA PHE A 175 8.53 -4.08 4.81
C PHE A 175 9.79 -3.44 4.31
N LYS A 176 10.13 -3.68 3.04
CA LYS A 176 11.15 -2.92 2.35
C LYS A 176 10.54 -2.54 1.01
N THR A 177 10.55 -1.27 0.70
CA THR A 177 9.94 -0.77 -0.57
C THR A 177 10.94 0.14 -1.29
N VAL A 178 10.94 0.02 -2.62
CA VAL A 178 11.76 0.88 -3.49
C VAL A 178 10.79 1.63 -4.41
N TYR A 179 10.83 2.95 -4.32
CA TYR A 179 9.98 3.86 -5.10
C TYR A 179 10.85 4.53 -6.18
N LYS A 180 10.40 4.43 -7.41
CA LYS A 180 11.17 4.94 -8.57
C LYS A 180 10.30 5.74 -9.51
N ALA A 181 10.59 7.03 -9.59
CA ALA A 181 9.94 7.91 -10.57
C ALA A 181 10.29 7.48 -12.01
N LYS A 182 9.36 7.67 -12.92
CA LYS A 182 9.55 7.22 -14.31
C LYS A 182 10.40 8.17 -15.09
N LYS A 183 10.54 9.37 -14.57
CA LYS A 183 11.47 10.39 -15.11
C LYS A 183 12.33 10.93 -13.95
N PRO A 184 13.47 11.55 -14.25
CA PRO A 184 14.26 12.08 -13.16
C PRO A 184 13.52 13.19 -12.42
N VAL A 185 13.32 13.00 -11.12
CA VAL A 185 12.80 14.05 -10.27
C VAL A 185 13.64 14.13 -8.98
N GLN A 186 13.60 15.31 -8.37
CA GLN A 186 14.32 15.61 -7.15
C GLN A 186 13.98 14.63 -6.06
N LEU A 187 15.00 13.96 -5.53
CA LEU A 187 14.81 13.10 -4.35
C LEU A 187 14.77 13.93 -3.10
N PRO A 188 13.91 13.56 -2.12
CA PRO A 188 14.00 14.18 -0.81
C PRO A 188 15.16 13.60 -0.02
N GLY A 189 15.49 14.21 1.10
CA GLY A 189 16.29 13.59 2.11
C GLY A 189 15.51 12.63 2.99
N ASN A 190 16.19 12.11 4.00
CA ASN A 190 15.57 11.22 4.96
C ASN A 190 14.32 11.88 5.58
N HIS A 191 13.23 11.12 5.63
CA HIS A 191 12.06 11.55 6.38
C HIS A 191 11.28 10.33 6.84
N TYR A 192 10.21 10.60 7.58
CA TYR A 192 9.34 9.56 8.12
C TYR A 192 7.93 9.84 7.67
N VAL A 193 7.16 8.76 7.43
CA VAL A 193 5.75 8.91 7.11
C VAL A 193 4.96 8.07 8.11
N ASP A 194 4.07 8.72 8.85
CA ASP A 194 3.11 8.00 9.70
C ASP A 194 1.88 7.65 8.86
N SER A 195 1.50 6.38 8.87
CA SER A 195 0.30 5.92 8.15
C SER A 195 -0.60 5.18 9.13
N LYS A 196 -1.88 5.23 8.81
CA LYS A 196 -2.86 4.42 9.51
C LYS A 196 -3.85 3.94 8.49
N LEU A 197 -3.94 2.62 8.35
CA LEU A 197 -4.87 2.01 7.39
CA LEU A 197 -4.85 1.98 7.39
C LEU A 197 -5.91 1.21 8.16
N ASP A 198 -7.17 1.55 7.92
CA ASP A 198 -8.31 0.90 8.57
C ASP A 198 -9.15 0.18 7.51
N ILE A 199 -9.52 -1.06 7.81
CA ILE A 199 -10.61 -1.69 7.04
C ILE A 199 -11.91 -1.21 7.68
N THR A 200 -12.66 -0.38 6.96
CA THR A 200 -13.85 0.31 7.47
C THR A 200 -15.13 -0.47 7.21
N ASN A 201 -15.10 -1.38 6.25
CA ASN A 201 -16.22 -2.27 6.01
C ASN A 201 -15.78 -3.45 5.17
N HIS A 202 -16.59 -4.51 5.19
CA HIS A 202 -16.37 -5.66 4.36
C HIS A 202 -17.62 -6.51 4.47
N ASN A 203 -17.87 -7.29 3.43
CA ASN A 203 -18.91 -8.30 3.53
C ASN A 203 -18.36 -9.55 4.24
N GLU A 204 -19.22 -10.54 4.47
CA GLU A 204 -18.80 -11.59 5.37
C GLU A 204 -17.59 -12.38 4.85
N ASP A 205 -17.45 -12.53 3.53
CA ASP A 205 -16.37 -13.37 2.99
C ASP A 205 -15.26 -12.55 2.35
N TYR A 206 -15.26 -11.24 2.65
CA TYR A 206 -14.22 -10.34 2.20
C TYR A 206 -14.07 -10.30 0.68
N THR A 207 -15.17 -10.49 -0.03
CA THR A 207 -15.17 -10.29 -1.49
C THR A 207 -15.47 -8.84 -1.86
N VAL A 208 -15.95 -8.05 -0.93
CA VAL A 208 -16.09 -6.59 -1.09
C VAL A 208 -15.57 -5.95 0.19
N VAL A 209 -14.64 -5.01 0.05
CA VAL A 209 -13.92 -4.43 1.18
C VAL A 209 -13.73 -2.92 0.95
N GLU A 210 -13.90 -2.14 2.03
CA GLU A 210 -13.67 -0.71 2.04
C GLU A 210 -12.51 -0.40 3.00
N GLN A 211 -11.60 0.46 2.51
CA GLN A 211 -10.39 0.84 3.26
C GLN A 211 -10.29 2.34 3.37
N TYR A 212 -9.63 2.81 4.43
CA TYR A 212 -9.33 4.22 4.57
C TYR A 212 -7.90 4.31 5.02
N GLU A 213 -7.16 5.27 4.46
CA GLU A 213 -5.77 5.49 4.88
C GLU A 213 -5.52 6.97 5.10
N HIS A 214 -4.80 7.30 6.18
CA HIS A 214 -4.31 8.64 6.45
C HIS A 214 -2.78 8.55 6.53
N ALA A 215 -2.05 9.43 5.85
CA ALA A 215 -0.59 9.35 5.86
C ALA A 215 0.00 10.75 5.77
N GLU A 216 0.98 10.99 6.62
CA GLU A 216 1.64 12.30 6.67
C GLU A 216 3.12 12.15 6.91
N ALA A 217 3.87 12.92 6.13
CA ALA A 217 5.34 12.97 6.20
C ALA A 217 5.82 14.02 7.20
N ARG A 218 6.97 13.73 7.77
CA ARG A 218 7.59 14.64 8.75
C ARG A 218 9.08 14.33 8.90
N HIS A 219 9.82 15.19 9.62
CA HIS A 219 11.20 14.88 9.97
C HIS A 219 11.23 13.89 11.17
N SER A 220 12.38 13.28 11.39
CA SER A 220 12.60 12.42 12.58
C SER A 220 12.22 13.03 13.93
N GLY A 221 11.75 12.18 14.85
CA GLY A 221 11.47 12.60 16.23
C GLY A 221 10.66 13.86 16.37
ZN ZN B . 7.76 11.36 1.11
ZN ZN C . 10.54 21.13 8.16
ZN ZN D . -0.07 -3.51 19.33
CL CL E . 8.79 11.47 -0.91
CL CL F . 6.38 9.54 1.19
CL CL G . 8.35 21.40 8.59
C1 EDO H . 9.32 -10.02 10.76
O1 EDO H . 9.48 -9.83 12.17
C2 EDO H . 10.30 -11.04 10.22
O2 EDO H . 11.40 -10.29 9.72
C1 EDO I . 12.66 -4.16 -3.47
O1 EDO I . 12.80 -5.44 -4.09
C2 EDO I . 12.37 -4.35 -1.99
O2 EDO I . 13.45 -5.10 -1.43
#